data_4LZH
#
_entry.id   4LZH
#
_cell.length_a   150.746
_cell.length_b   150.746
_cell.length_c   43.067
_cell.angle_alpha   90.000
_cell.angle_beta   90.000
_cell.angle_gamma   120.000
#
_symmetry.space_group_name_H-M   'H 3'
#
loop_
_entity.id
_entity.type
_entity.pdbx_description
1 polymer L,D-transpeptidase
2 water water
#
_entity_poly.entity_id   1
_entity_poly.type   'polypeptide(L)'
_entity_poly.pdbx_seq_one_letter_code
;SNAVTYPLPTDGSRLVGQNQVITIPDDNKQPLEYFAAKYQ(MSE)GLSN(MSE)LEANPGVDTYLPKGGSVLNIPQQLIL
PDTVHEGIIINSAE(MSE)RLYYYPKGTNTVIVLPIGIGQLGKDTPINWTTKVERKKAGPTWTPTAK(MSE)HAEYAAAG
NPLPAVVPAGPDNP(MSE)GLYALYIGRLYAIHGTNANFGIGLRVSHGCVRLRNDDIKFLFENVPVGTRVQFIDEPVKAT
TEPDGSRYIEVHNPLSTTEAQFQGGEIVPITLTQPVQAVTSQSDVDQNVVEQAIQNRSG(MSE)PVRLN
;
_entity_poly.pdbx_strand_id   A
#
# COMPACT_ATOMS: atom_id res chain seq x y z
N ASN A 2 3.97 16.41 -7.98
CA ASN A 2 3.48 15.49 -6.90
C ASN A 2 4.54 14.42 -6.63
N ALA A 3 4.90 14.25 -5.35
CA ALA A 3 5.97 13.33 -5.00
C ALA A 3 5.64 11.85 -5.32
N VAL A 4 4.35 11.51 -5.39
CA VAL A 4 3.95 10.13 -5.72
C VAL A 4 3.40 9.91 -7.14
N THR A 5 3.66 10.85 -8.06
CA THR A 5 3.46 10.66 -9.49
C THR A 5 4.82 10.55 -10.11
N TYR A 6 5.14 9.43 -10.75
CA TYR A 6 6.44 9.19 -11.28
C TYR A 6 6.37 9.09 -12.79
N PRO A 7 7.28 9.75 -13.49
CA PRO A 7 7.39 9.47 -14.94
C PRO A 7 7.80 8.01 -15.13
N LEU A 8 7.19 7.33 -16.08
CA LEU A 8 7.56 5.97 -16.29
C LEU A 8 8.77 5.88 -17.15
N PRO A 9 9.74 5.08 -16.70
CA PRO A 9 10.93 4.89 -17.56
C PRO A 9 10.52 4.14 -18.84
N THR A 10 11.17 4.38 -19.94
CA THR A 10 10.80 3.67 -21.17
C THR A 10 11.84 2.63 -21.58
N ASP A 11 12.87 2.46 -20.76
CA ASP A 11 13.98 1.59 -21.06
C ASP A 11 13.97 0.30 -20.25
N GLY A 12 12.85 -0.01 -19.59
CA GLY A 12 12.78 -1.19 -18.74
C GLY A 12 13.20 -0.98 -17.30
N SER A 13 13.62 0.24 -16.92
CA SER A 13 13.93 0.49 -15.51
C SER A 13 12.64 0.36 -14.70
N ARG A 14 12.76 -0.15 -13.49
CA ARG A 14 11.66 -0.24 -12.53
C ARG A 14 11.91 0.54 -11.24
N LEU A 15 13.08 1.14 -11.08
CA LEU A 15 13.37 1.87 -9.87
C LEU A 15 12.89 3.29 -10.11
N VAL A 16 12.00 3.82 -9.28
CA VAL A 16 11.48 5.18 -9.49
C VAL A 16 11.48 5.91 -8.20
N GLY A 17 11.56 7.24 -8.28
CA GLY A 17 11.42 8.05 -7.08
C GLY A 17 12.67 8.31 -6.28
N GLN A 18 12.51 9.06 -5.19
CA GLN A 18 13.62 9.46 -4.32
CA GLN A 18 13.61 9.49 -4.32
C GLN A 18 13.10 9.51 -2.91
N ASN A 19 13.88 9.02 -1.96
CA ASN A 19 13.43 9.09 -0.58
C ASN A 19 13.62 10.52 -0.06
N GLN A 20 12.90 10.86 1.00
CA GLN A 20 13.18 12.09 1.73
C GLN A 20 13.50 11.75 3.17
N VAL A 21 14.07 12.67 3.90
CA VAL A 21 14.25 12.48 5.32
C VAL A 21 13.89 13.83 5.90
N ILE A 22 13.05 13.83 6.93
CA ILE A 22 12.64 15.06 7.57
C ILE A 22 13.00 15.01 9.03
N THR A 23 12.99 16.18 9.67
CA THR A 23 13.21 16.24 11.12
C THR A 23 11.86 16.56 11.79
N ILE A 24 11.52 15.81 12.83
CA ILE A 24 10.31 16.04 13.61
C ILE A 24 10.56 17.29 14.51
N PRO A 25 9.77 18.36 14.37
CA PRO A 25 9.93 19.42 15.42
C PRO A 25 10.15 18.93 16.89
N ASP A 26 10.98 19.65 17.67
CA ASP A 26 11.20 19.30 19.11
C ASP A 26 9.89 19.32 19.90
N ASP A 27 9.03 20.28 19.55
CA ASP A 27 7.71 20.54 20.16
C ASP A 27 6.56 19.67 19.58
N ASN A 28 6.91 18.62 18.82
CA ASN A 28 5.88 17.81 18.12
C ASN A 28 4.81 17.21 19.01
N LYS A 29 3.54 17.38 18.62
CA LYS A 29 2.41 16.71 19.28
C LYS A 29 1.65 15.68 18.39
N GLN A 30 2.04 15.59 17.13
CA GLN A 30 1.33 14.78 16.11
C GLN A 30 1.71 13.31 16.13
N PRO A 31 0.72 12.42 15.93
CA PRO A 31 1.04 11.03 15.86
C PRO A 31 1.69 10.74 14.48
N LEU A 32 2.16 9.53 14.28
CA LEU A 32 2.77 9.15 13.01
C LEU A 32 1.83 9.33 11.84
N GLU A 33 0.53 9.03 12.04
CA GLU A 33 -0.48 9.08 10.97
C GLU A 33 -0.51 10.43 10.34
N TYR A 34 -0.25 11.45 11.13
CA TYR A 34 -0.17 12.81 10.60
C TYR A 34 0.91 12.98 9.53
N PHE A 35 2.10 12.46 9.81
CA PHE A 35 3.21 12.49 8.81
C PHE A 35 2.95 11.60 7.63
N ALA A 36 2.44 10.42 7.90
CA ALA A 36 2.09 9.52 6.83
C ALA A 36 1.09 10.18 5.87
N ALA A 37 0.04 10.81 6.41
CA ALA A 37 -0.90 11.55 5.55
C ALA A 37 -0.26 12.69 4.75
N LYS A 38 0.58 13.48 5.40
CA LYS A 38 1.23 14.62 4.77
C LYS A 38 2.06 14.17 3.57
N TYR A 39 2.67 13.01 3.68
CA TYR A 39 3.54 12.51 2.60
C TYR A 39 2.93 11.44 1.72
N GLN A 40 1.64 11.18 1.90
CA GLN A 40 0.92 10.18 1.13
C GLN A 40 1.56 8.80 1.25
N MSE A 41 1.85 8.37 2.47
CA MSE A 41 2.46 7.09 2.79
C MSE A 41 1.50 6.28 3.61
O MSE A 41 0.66 6.83 4.30
CB MSE A 41 3.72 7.28 3.63
CG MSE A 41 4.81 8.12 2.97
SE MSE A 41 5.85 7.12 1.62
CE MSE A 41 4.84 7.43 0.00
N GLY A 42 1.62 4.99 3.60
CA GLY A 42 0.91 4.19 4.53
C GLY A 42 1.54 4.15 5.89
N LEU A 43 0.73 3.89 6.90
CA LEU A 43 1.28 3.78 8.26
C LEU A 43 2.31 2.61 8.37
N SER A 44 2.01 1.44 7.79
CA SER A 44 2.92 0.33 7.92
C SER A 44 4.25 0.63 7.20
N ASN A 45 4.19 1.28 6.05
CA ASN A 45 5.40 1.69 5.31
C ASN A 45 6.29 2.60 6.16
N MSE A 46 5.67 3.55 6.87
CA MSE A 46 6.37 4.44 7.79
C MSE A 46 7.02 3.71 8.91
O MSE A 46 8.17 4.02 9.30
CB MSE A 46 5.51 5.56 8.38
CG MSE A 46 4.96 6.47 7.27
SE MSE A 46 6.41 7.54 6.43
CE MSE A 46 6.49 8.92 7.79
N LEU A 47 6.34 2.72 9.45
CA LEU A 47 6.92 1.93 10.52
C LEU A 47 8.10 1.12 9.98
N GLU A 48 7.96 0.57 8.79
CA GLU A 48 9.02 -0.28 8.19
C GLU A 48 10.28 0.54 7.96
N ALA A 49 10.10 1.76 7.51
CA ALA A 49 11.24 2.61 7.18
C ALA A 49 11.87 3.26 8.38
N ASN A 50 11.18 3.22 9.55
CA ASN A 50 11.64 3.93 10.69
C ASN A 50 11.63 3.06 11.97
N PRO A 51 12.61 2.15 12.10
CA PRO A 51 12.73 1.22 13.24
C PRO A 51 12.61 1.91 14.56
N GLY A 52 11.75 1.38 15.41
CA GLY A 52 11.53 2.01 16.70
C GLY A 52 10.77 3.35 16.74
N VAL A 53 10.19 3.83 15.63
CA VAL A 53 9.47 5.10 15.71
C VAL A 53 8.21 4.84 16.58
N ASP A 54 7.76 5.86 17.30
CA ASP A 54 6.60 5.78 18.17
C ASP A 54 5.36 6.19 17.39
N THR A 55 4.45 5.28 17.11
CA THR A 55 3.25 5.67 16.37
C THR A 55 2.39 6.69 17.10
N TYR A 56 2.40 6.67 18.44
CA TYR A 56 1.63 7.58 19.26
C TYR A 56 2.14 8.99 19.13
N LEU A 57 3.47 9.15 19.16
CA LEU A 57 4.05 10.48 19.14
C LEU A 57 5.51 10.38 18.73
N PRO A 58 5.80 10.58 17.43
CA PRO A 58 7.19 10.57 17.00
C PRO A 58 8.05 11.60 17.80
N LYS A 59 9.16 11.08 18.30
CA LYS A 59 10.03 11.82 19.22
C LYS A 59 10.51 13.12 18.62
N GLY A 60 10.24 14.23 19.30
CA GLY A 60 10.64 15.56 18.81
C GLY A 60 12.16 15.59 18.61
N GLY A 61 12.63 16.28 17.56
CA GLY A 61 14.06 16.20 17.16
C GLY A 61 14.59 14.88 16.58
N SER A 62 13.75 13.88 16.36
CA SER A 62 14.26 12.69 15.69
C SER A 62 14.11 12.92 14.16
N VAL A 63 14.68 12.00 13.39
CA VAL A 63 14.56 12.08 11.91
C VAL A 63 13.63 11.02 11.44
N LEU A 64 12.93 11.30 10.36
CA LEU A 64 11.95 10.35 9.83
C LEU A 64 12.20 10.13 8.36
N ASN A 65 12.37 8.88 7.99
CA ASN A 65 12.52 8.50 6.62
C ASN A 65 11.16 8.44 5.91
N ILE A 66 11.09 8.96 4.70
CA ILE A 66 9.84 8.95 3.89
C ILE A 66 10.17 8.13 2.65
N PRO A 67 9.65 6.89 2.56
CA PRO A 67 10.12 5.91 1.58
C PRO A 67 9.39 6.05 0.24
N GLN A 68 9.73 7.12 -0.50
CA GLN A 68 9.08 7.47 -1.77
C GLN A 68 9.82 6.86 -2.95
N GLN A 69 11.03 6.34 -2.76
CA GLN A 69 11.68 5.50 -3.74
C GLN A 69 11.19 4.06 -3.71
N LEU A 70 10.89 3.49 -4.88
CA LEU A 70 10.30 2.17 -4.96
C LEU A 70 10.68 1.46 -6.26
N ILE A 71 10.55 0.14 -6.23
CA ILE A 71 10.59 -0.68 -7.42
C ILE A 71 9.15 -0.96 -7.89
N LEU A 72 8.88 -0.71 -9.16
CA LEU A 72 7.59 -1.08 -9.70
C LEU A 72 7.38 -2.57 -9.69
N PRO A 73 6.21 -3.01 -9.23
CA PRO A 73 5.94 -4.43 -9.29
C PRO A 73 6.05 -4.97 -10.72
N ASP A 74 6.36 -6.25 -10.83
CA ASP A 74 6.59 -6.90 -12.10
C ASP A 74 5.23 -7.32 -12.68
N THR A 75 4.60 -6.38 -13.38
CA THR A 75 3.27 -6.60 -13.94
C THR A 75 3.21 -5.81 -15.17
N VAL A 76 2.14 -5.94 -15.94
CA VAL A 76 1.89 -4.97 -16.98
C VAL A 76 1.79 -3.54 -16.45
N HIS A 77 2.16 -2.56 -17.27
CA HIS A 77 2.00 -1.17 -16.92
C HIS A 77 0.73 -0.57 -17.46
N GLU A 78 -0.37 -1.17 -16.98
CA GLU A 78 -1.67 -0.84 -17.48
C GLU A 78 -2.64 -0.90 -16.31
N GLY A 79 -3.49 0.10 -16.26
CA GLY A 79 -4.62 0.11 -15.31
C GLY A 79 -4.16 0.16 -13.86
N ILE A 80 -4.85 -0.55 -12.97
CA ILE A 80 -4.58 -0.46 -11.54
C ILE A 80 -3.97 -1.76 -11.09
N ILE A 81 -2.87 -1.66 -10.36
CA ILE A 81 -2.22 -2.80 -9.72
C ILE A 81 -2.25 -2.52 -8.20
N ILE A 82 -2.77 -3.48 -7.47
CA ILE A 82 -2.80 -3.41 -5.99
C ILE A 82 -1.97 -4.47 -5.38
N ASN A 83 -0.95 -4.04 -4.64
CA ASN A 83 -0.02 -4.92 -3.98
C ASN A 83 -0.27 -4.76 -2.47
N SER A 84 -1.13 -5.63 -1.95
CA SER A 84 -1.50 -5.62 -0.53
C SER A 84 -0.33 -5.77 0.45
N ALA A 85 0.70 -6.51 0.04
CA ALA A 85 1.87 -6.76 0.89
C ALA A 85 2.65 -5.48 1.20
N GLU A 86 2.50 -4.44 0.39
CA GLU A 86 3.14 -3.12 0.64
C GLU A 86 2.14 -2.00 0.77
N MSE A 87 0.86 -2.35 0.87
CA MSE A 87 -0.23 -1.39 0.98
CA MSE A 87 -0.23 -1.39 0.98
C MSE A 87 -0.13 -0.30 -0.05
O MSE A 87 -0.31 0.87 0.26
CB MSE A 87 -0.22 -0.80 2.39
CB MSE A 87 -0.21 -0.78 2.38
CG MSE A 87 -0.34 -1.88 3.45
CG MSE A 87 -0.36 -1.87 3.43
SE MSE A 87 -2.28 -2.24 3.64
SE MSE A 87 -2.25 -2.46 3.46
CE MSE A 87 -2.01 -4.16 3.97
CE MSE A 87 -2.01 -3.24 5.27
N ARG A 88 0.05 -0.67 -1.31
CA ARG A 88 0.08 0.32 -2.37
C ARG A 88 -0.80 -0.03 -3.54
N LEU A 89 -1.33 1.03 -4.12
CA LEU A 89 -2.10 0.95 -5.35
C LEU A 89 -1.30 1.76 -6.36
N TYR A 90 -1.05 1.16 -7.54
CA TYR A 90 -0.33 1.75 -8.67
C TYR A 90 -1.34 1.98 -9.80
N TYR A 91 -1.39 3.19 -10.35
CA TYR A 91 -2.30 3.49 -11.42
C TYR A 91 -1.49 4.00 -12.57
N TYR A 92 -1.63 3.32 -13.69
CA TYR A 92 -0.98 3.60 -15.00
C TYR A 92 -2.04 4.21 -15.91
N PRO A 93 -2.20 5.53 -15.88
CA PRO A 93 -3.27 6.13 -16.68
C PRO A 93 -3.03 6.04 -18.19
N LYS A 94 -4.13 5.89 -18.92
CA LYS A 94 -4.06 5.92 -20.36
C LYS A 94 -3.56 7.26 -20.90
N GLY A 95 -3.90 8.35 -20.21
CA GLY A 95 -3.72 9.73 -20.66
C GLY A 95 -2.31 10.24 -20.46
N THR A 96 -1.44 9.46 -19.81
CA THR A 96 -0.11 9.96 -19.46
C THR A 96 0.86 8.83 -19.61
N ASN A 97 2.16 9.14 -19.49
CA ASN A 97 3.14 8.10 -19.39
C ASN A 97 3.73 8.10 -17.98
N THR A 98 2.87 7.99 -16.98
CA THR A 98 3.26 8.14 -15.60
C THR A 98 2.65 6.99 -14.86
N VAL A 99 3.09 6.86 -13.61
CA VAL A 99 2.46 5.96 -12.65
C VAL A 99 2.23 6.74 -11.37
N ILE A 100 1.03 6.57 -10.81
CA ILE A 100 0.67 7.19 -9.58
C ILE A 100 0.58 6.15 -8.49
N VAL A 101 1.24 6.38 -7.37
CA VAL A 101 1.36 5.39 -6.34
C VAL A 101 0.72 5.92 -5.07
N LEU A 102 -0.38 5.29 -4.68
CA LEU A 102 -1.18 5.78 -3.54
C LEU A 102 -1.22 4.75 -2.44
N PRO A 103 -1.21 5.19 -1.16
CA PRO A 103 -1.24 4.24 -0.04
C PRO A 103 -2.68 3.75 0.16
N ILE A 104 -2.85 2.52 0.56
CA ILE A 104 -4.19 1.95 0.79
C ILE A 104 -4.24 1.25 2.16
N GLY A 105 -5.45 1.01 2.64
CA GLY A 105 -5.72 0.10 3.72
C GLY A 105 -6.57 -0.99 3.13
N ILE A 106 -6.50 -2.16 3.74
CA ILE A 106 -7.26 -3.32 3.28
CA ILE A 106 -7.31 -3.31 3.26
C ILE A 106 -8.06 -4.00 4.42
N GLY A 107 -9.11 -4.74 4.09
CA GLY A 107 -9.78 -5.65 5.02
C GLY A 107 -10.01 -7.01 4.34
N PRO A 114 -8.35 -9.66 -1.32
CA PRO A 114 -7.98 -10.50 -2.45
C PRO A 114 -6.48 -10.43 -2.75
N ILE A 115 -5.93 -11.59 -3.08
CA ILE A 115 -4.53 -11.81 -3.09
C ILE A 115 -4.08 -11.80 -4.54
N ASN A 116 -4.72 -12.62 -5.39
CA ASN A 116 -4.37 -12.74 -6.82
CA ASN A 116 -4.37 -12.73 -6.81
C ASN A 116 -5.61 -12.88 -7.69
N TRP A 117 -5.91 -11.84 -8.45
CA TRP A 117 -7.19 -11.69 -9.11
C TRP A 117 -7.15 -10.52 -10.07
N THR A 118 -7.63 -10.71 -11.28
CA THR A 118 -7.70 -9.68 -12.26
C THR A 118 -9.15 -9.43 -12.59
N THR A 119 -9.51 -8.16 -12.55
CA THR A 119 -10.87 -7.73 -12.71
C THR A 119 -10.81 -6.37 -13.41
N LYS A 120 -11.85 -5.57 -13.24
CA LYS A 120 -11.92 -4.28 -13.88
CA LYS A 120 -11.91 -4.28 -13.87
C LYS A 120 -12.89 -3.39 -13.12
N VAL A 121 -12.80 -2.10 -13.37
CA VAL A 121 -13.75 -1.16 -12.76
C VAL A 121 -15.06 -1.27 -13.53
N GLU A 122 -16.08 -1.68 -12.83
CA GLU A 122 -17.42 -1.85 -13.43
C GLU A 122 -18.29 -0.59 -13.43
N ARG A 123 -18.12 0.21 -12.40
CA ARG A 123 -18.84 1.48 -12.25
C ARG A 123 -18.22 2.26 -11.17
N LYS A 124 -18.49 3.56 -11.13
CA LYS A 124 -17.98 4.43 -10.10
C LYS A 124 -19.00 5.46 -9.67
N LYS A 125 -18.98 5.79 -8.40
CA LYS A 125 -20.05 6.58 -7.82
C LYS A 125 -19.50 7.62 -6.90
N ALA A 126 -19.84 8.91 -7.12
CA ALA A 126 -19.70 9.97 -6.14
C ALA A 126 -20.86 9.87 -5.19
N GLY A 127 -20.56 9.88 -3.91
CA GLY A 127 -21.52 9.63 -2.89
C GLY A 127 -22.08 8.21 -2.87
N PRO A 128 -21.24 7.20 -2.64
CA PRO A 128 -21.77 5.84 -2.55
C PRO A 128 -22.64 5.56 -1.30
N THR A 129 -23.60 4.69 -1.45
CA THR A 129 -24.39 4.17 -0.33
CA THR A 129 -24.38 4.18 -0.32
C THR A 129 -23.69 2.88 0.08
N TRP A 130 -23.78 2.55 1.36
CA TRP A 130 -23.21 1.37 1.90
C TRP A 130 -24.28 0.37 2.26
N THR A 131 -24.14 -0.86 1.75
CA THR A 131 -25.13 -1.91 2.03
C THR A 131 -24.45 -2.94 2.96
N PRO A 132 -24.67 -2.85 4.28
CA PRO A 132 -23.98 -3.75 5.20
C PRO A 132 -24.36 -5.21 4.94
N THR A 133 -23.53 -6.11 5.41
CA THR A 133 -23.82 -7.57 5.25
C THR A 133 -24.91 -7.95 6.20
N ALA A 134 -25.63 -9.01 5.81
CA ALA A 134 -26.59 -9.62 6.70
C ALA A 134 -25.91 -10.03 8.03
N LYS A 135 -24.71 -10.56 7.95
CA LYS A 135 -23.90 -10.80 9.19
C LYS A 135 -23.75 -9.60 10.05
N MSE A 136 -23.19 -8.52 9.48
CA MSE A 136 -22.87 -7.42 10.33
C MSE A 136 -24.19 -6.95 10.97
O MSE A 136 -24.25 -6.63 12.16
CB MSE A 136 -22.13 -6.41 9.48
CG MSE A 136 -22.09 -5.19 10.40
SE MSE A 136 -21.06 -3.71 9.59
CE MSE A 136 -19.44 -4.70 10.08
N HIS A 137 -25.28 -6.92 10.21
CA HIS A 137 -26.53 -6.38 10.77
C HIS A 137 -27.00 -7.23 11.96
N ALA A 138 -26.84 -8.54 11.84
CA ALA A 138 -27.21 -9.46 12.93
C ALA A 138 -26.44 -9.08 14.20
N GLU A 139 -25.17 -8.77 14.04
CA GLU A 139 -24.31 -8.49 15.18
C GLU A 139 -24.71 -7.16 15.81
N TYR A 140 -24.91 -6.17 14.96
CA TYR A 140 -25.31 -4.82 15.42
C TYR A 140 -26.63 -4.84 16.08
N ALA A 141 -27.61 -5.51 15.47
CA ALA A 141 -28.98 -5.57 16.04
C ALA A 141 -28.93 -6.16 17.46
N ALA A 142 -28.18 -7.24 17.66
CA ALA A 142 -28.09 -7.85 19.02
C ALA A 142 -27.43 -6.85 20.02
N ALA A 143 -26.41 -6.08 19.54
CA ALA A 143 -25.74 -5.04 20.36
C ALA A 143 -26.66 -3.83 20.67
N GLY A 144 -27.83 -3.76 20.06
CA GLY A 144 -28.71 -2.61 20.17
C GLY A 144 -28.27 -1.43 19.28
N ASN A 145 -27.39 -1.65 18.29
CA ASN A 145 -26.89 -0.55 17.40
C ASN A 145 -27.82 -0.47 16.19
N PRO A 146 -28.48 0.71 15.95
CA PRO A 146 -29.34 0.86 14.73
C PRO A 146 -28.46 0.68 13.46
N LEU A 147 -28.87 -0.16 12.51
CA LEU A 147 -28.10 -0.34 11.23
C LEU A 147 -29.04 -0.47 10.07
N PRO A 148 -29.18 0.59 9.30
CA PRO A 148 -30.08 0.46 8.17
C PRO A 148 -29.62 -0.64 7.21
N ALA A 149 -30.54 -1.19 6.45
CA ALA A 149 -30.18 -2.05 5.36
C ALA A 149 -29.37 -1.26 4.29
N VAL A 150 -29.64 0.05 4.16
CA VAL A 150 -28.90 0.90 3.27
C VAL A 150 -28.46 2.14 4.05
N VAL A 151 -27.15 2.30 4.22
CA VAL A 151 -26.55 3.46 4.82
C VAL A 151 -26.33 4.52 3.75
N PRO A 152 -26.98 5.66 3.94
CA PRO A 152 -27.02 6.74 2.96
C PRO A 152 -25.63 7.33 2.67
N ALA A 153 -25.48 7.90 1.50
CA ALA A 153 -24.27 8.66 1.18
C ALA A 153 -24.13 9.85 2.11
N GLY A 154 -22.89 10.24 2.36
CA GLY A 154 -22.63 11.37 3.18
C GLY A 154 -21.46 11.20 4.09
N PRO A 155 -21.30 12.16 5.01
CA PRO A 155 -20.12 12.25 5.88
C PRO A 155 -19.95 11.11 6.89
N ASP A 156 -21.00 10.37 7.22
CA ASP A 156 -20.87 9.27 8.16
C ASP A 156 -20.79 7.91 7.44
N ASN A 157 -20.79 7.91 6.12
CA ASN A 157 -20.74 6.68 5.41
C ASN A 157 -19.29 6.11 5.44
N PRO A 158 -19.14 4.86 5.86
CA PRO A 158 -17.79 4.34 6.00
C PRO A 158 -17.10 4.04 4.69
N MSE A 159 -17.77 4.14 3.56
CA MSE A 159 -17.04 4.09 2.27
C MSE A 159 -16.52 5.42 1.81
O MSE A 159 -16.02 5.56 0.69
CB MSE A 159 -18.05 3.64 1.22
CG MSE A 159 -18.45 2.18 1.49
SE MSE A 159 -19.63 1.57 0.09
CE MSE A 159 -18.23 1.32 -1.32
N GLY A 160 -16.73 6.45 2.60
CA GLY A 160 -16.29 7.75 2.23
C GLY A 160 -17.15 8.35 1.10
N LEU A 161 -16.59 9.27 0.35
CA LEU A 161 -17.37 10.10 -0.58
C LEU A 161 -17.32 9.66 -2.00
N TYR A 162 -16.49 8.66 -2.30
CA TYR A 162 -16.28 8.11 -3.67
C TYR A 162 -16.01 6.61 -3.61
N ALA A 163 -16.47 5.87 -4.64
CA ALA A 163 -16.16 4.48 -4.78
C ALA A 163 -16.04 4.07 -6.23
N LEU A 164 -15.14 3.12 -6.47
CA LEU A 164 -14.97 2.43 -7.73
C LEU A 164 -15.30 0.98 -7.46
N TYR A 165 -16.29 0.44 -8.15
CA TYR A 165 -16.72 -0.92 -7.99
C TYR A 165 -16.03 -1.85 -8.95
N ILE A 166 -15.59 -2.98 -8.46
CA ILE A 166 -14.72 -3.89 -9.26
C ILE A 166 -15.25 -5.30 -9.34
N GLY A 167 -16.51 -5.53 -8.99
CA GLY A 167 -16.98 -6.91 -9.16
C GLY A 167 -16.80 -7.85 -7.98
N ARG A 168 -17.54 -8.98 -8.02
CA ARG A 168 -17.60 -9.90 -6.91
CA ARG A 168 -17.62 -9.90 -6.91
C ARG A 168 -17.81 -9.15 -5.56
N LEU A 169 -18.67 -8.12 -5.57
CA LEU A 169 -18.99 -7.29 -4.38
C LEU A 169 -17.97 -6.17 -4.01
N TYR A 170 -16.74 -6.28 -4.48
CA TYR A 170 -15.67 -5.44 -3.97
C TYR A 170 -15.68 -4.01 -4.53
N ALA A 171 -15.04 -3.10 -3.82
CA ALA A 171 -14.88 -1.71 -4.24
C ALA A 171 -13.53 -1.14 -3.73
N ILE A 172 -13.04 -0.12 -4.41
CA ILE A 172 -11.96 0.72 -3.94
C ILE A 172 -12.67 2.00 -3.52
N HIS A 173 -12.54 2.36 -2.29
CA HIS A 173 -13.34 3.45 -1.74
C HIS A 173 -12.61 4.26 -0.74
N GLY A 174 -13.33 5.23 -0.14
CA GLY A 174 -12.73 6.11 0.86
C GLY A 174 -13.00 5.62 2.28
N THR A 175 -12.93 6.53 3.23
CA THR A 175 -13.17 6.22 4.64
C THR A 175 -13.57 7.51 5.32
N ASN A 176 -14.42 7.42 6.33
CA ASN A 176 -14.64 8.60 7.15
C ASN A 176 -13.77 8.61 8.44
N ALA A 177 -12.89 7.63 8.59
CA ALA A 177 -12.03 7.50 9.79
C ALA A 177 -10.72 8.33 9.75
N ASN A 178 -10.07 8.45 10.90
CA ASN A 178 -8.86 9.20 11.00
C ASN A 178 -7.57 8.38 10.91
N PHE A 179 -7.70 7.10 10.68
CA PHE A 179 -6.57 6.23 10.50
C PHE A 179 -7.08 5.02 9.78
N GLY A 180 -6.16 4.24 9.28
CA GLY A 180 -6.51 3.02 8.56
C GLY A 180 -5.71 2.74 7.31
N ILE A 181 -5.20 3.77 6.67
CA ILE A 181 -4.48 3.56 5.41
C ILE A 181 -3.10 3.07 5.80
N GLY A 182 -2.64 2.03 5.12
CA GLY A 182 -1.47 1.27 5.44
C GLY A 182 -1.63 0.27 6.59
N LEU A 183 -2.87 -0.06 6.96
CA LEU A 183 -3.19 -1.04 8.02
C LEU A 183 -4.17 -2.06 7.46
N ARG A 184 -4.08 -3.28 7.98
CA ARG A 184 -5.12 -4.29 7.79
CA ARG A 184 -5.11 -4.28 7.77
C ARG A 184 -6.20 -3.98 8.77
N VAL A 185 -7.43 -3.82 8.31
CA VAL A 185 -8.55 -3.66 9.23
C VAL A 185 -9.61 -4.72 8.98
N SER A 186 -10.68 -4.62 9.75
CA SER A 186 -11.87 -5.41 9.48
C SER A 186 -12.79 -4.49 8.68
N HIS A 187 -13.61 -5.08 7.81
CA HIS A 187 -14.62 -4.36 7.02
C HIS A 187 -14.03 -3.55 5.87
N GLY A 188 -14.82 -3.41 4.82
CA GLY A 188 -14.34 -2.78 3.64
C GLY A 188 -13.37 -3.64 2.86
N CYS A 189 -13.09 -3.13 1.68
CA CYS A 189 -12.24 -3.81 0.71
CA CYS A 189 -12.32 -3.79 0.71
C CYS A 189 -10.98 -2.97 0.70
N VAL A 190 -10.77 -2.08 -0.25
CA VAL A 190 -9.54 -1.29 -0.31
C VAL A 190 -9.97 0.15 -0.02
N ARG A 191 -9.34 0.78 0.93
CA ARG A 191 -9.69 2.13 1.31
C ARG A 191 -8.51 3.10 1.10
N LEU A 192 -8.86 4.32 0.74
CA LEU A 192 -7.91 5.41 0.51
C LEU A 192 -8.33 6.66 1.26
N ARG A 193 -7.35 7.51 1.55
CA ARG A 193 -7.60 8.80 2.16
C ARG A 193 -8.37 9.71 1.24
N ASN A 194 -9.02 10.72 1.82
CA ASN A 194 -9.96 11.56 1.08
C ASN A 194 -9.47 12.11 -0.24
N ASP A 195 -8.33 12.79 -0.26
CA ASP A 195 -7.90 13.36 -1.51
C ASP A 195 -7.51 12.30 -2.51
N ASP A 196 -7.05 11.17 -2.03
CA ASP A 196 -6.56 10.11 -2.92
C ASP A 196 -7.70 9.42 -3.61
N ILE A 197 -8.76 9.10 -2.87
CA ILE A 197 -9.89 8.43 -3.49
C ILE A 197 -10.57 9.39 -4.49
N LYS A 198 -10.64 10.67 -4.16
CA LYS A 198 -11.22 11.64 -5.06
CA LYS A 198 -11.23 11.64 -5.07
C LYS A 198 -10.43 11.71 -6.36
N PHE A 199 -9.12 11.79 -6.24
CA PHE A 199 -8.24 11.75 -7.43
C PHE A 199 -8.49 10.53 -8.32
N LEU A 200 -8.54 9.34 -7.71
CA LEU A 200 -8.90 8.17 -8.51
C LEU A 200 -10.25 8.24 -9.13
N PHE A 201 -11.25 8.70 -8.40
CA PHE A 201 -12.56 8.80 -8.96
C PHE A 201 -12.58 9.75 -10.17
N GLU A 202 -11.86 10.84 -10.08
CA GLU A 202 -11.82 11.82 -11.19
C GLU A 202 -11.03 11.31 -12.37
N ASN A 203 -10.13 10.36 -12.20
CA ASN A 203 -9.20 9.98 -13.23
C ASN A 203 -9.22 8.57 -13.73
N VAL A 204 -10.02 7.73 -13.16
CA VAL A 204 -10.03 6.31 -13.58
C VAL A 204 -11.33 6.06 -14.35
N PRO A 205 -11.24 5.69 -15.64
CA PRO A 205 -12.45 5.41 -16.40
C PRO A 205 -13.02 4.07 -16.03
N VAL A 206 -14.32 3.97 -16.14
CA VAL A 206 -14.94 2.67 -16.07
C VAL A 206 -14.35 1.76 -17.15
N GLY A 207 -14.11 0.51 -16.81
CA GLY A 207 -13.51 -0.46 -17.71
C GLY A 207 -12.02 -0.66 -17.48
N THR A 208 -11.40 0.20 -16.68
CA THR A 208 -9.97 0.06 -16.31
C THR A 208 -9.65 -1.30 -15.66
N ARG A 209 -8.60 -1.98 -16.17
CA ARG A 209 -8.07 -3.22 -15.61
C ARG A 209 -7.67 -2.99 -14.17
N VAL A 210 -7.92 -3.97 -13.33
CA VAL A 210 -7.53 -3.98 -11.91
C VAL A 210 -6.94 -5.33 -11.61
N GLN A 211 -5.73 -5.36 -11.05
CA GLN A 211 -5.12 -6.59 -10.69
C GLN A 211 -4.56 -6.57 -9.28
N PHE A 212 -4.89 -7.57 -8.52
CA PHE A 212 -4.40 -7.72 -7.18
C PHE A 212 -3.25 -8.72 -7.23
N ILE A 213 -2.16 -8.35 -6.53
CA ILE A 213 -1.00 -9.21 -6.36
C ILE A 213 -0.64 -9.24 -4.89
N ASP A 214 0.24 -10.17 -4.55
CA ASP A 214 0.78 -10.21 -3.16
C ASP A 214 2.31 -10.45 -3.24
N GLU A 215 3.07 -9.37 -3.26
CA GLU A 215 4.51 -9.46 -3.48
C GLU A 215 5.23 -8.62 -2.49
N PRO A 216 5.62 -9.25 -1.39
CA PRO A 216 6.31 -8.47 -0.35
C PRO A 216 7.76 -8.15 -0.73
N VAL A 217 8.36 -8.92 -1.64
CA VAL A 217 9.69 -8.67 -2.15
C VAL A 217 9.62 -8.37 -3.60
N LYS A 218 10.31 -7.33 -3.99
CA LYS A 218 10.45 -6.98 -5.40
C LYS A 218 11.98 -6.83 -5.68
N ALA A 219 12.39 -7.11 -6.89
CA ALA A 219 13.83 -6.94 -7.28
C ALA A 219 13.88 -6.62 -8.76
N THR A 220 14.92 -5.86 -9.15
CA THR A 220 15.09 -5.50 -10.49
C THR A 220 16.60 -5.44 -10.86
N THR A 221 16.89 -5.86 -12.09
CA THR A 221 18.12 -5.55 -12.77
C THR A 221 17.80 -4.43 -13.72
N GLU A 222 18.46 -3.30 -13.51
CA GLU A 222 18.18 -2.15 -14.31
C GLU A 222 19.06 -2.13 -15.56
N PRO A 223 18.77 -1.25 -16.54
CA PRO A 223 19.46 -1.23 -17.86
C PRO A 223 20.91 -0.90 -17.74
N ASP A 224 21.33 -0.22 -16.67
CA ASP A 224 22.78 0.04 -16.47
C ASP A 224 23.52 -1.06 -15.71
N GLY A 225 22.84 -2.17 -15.45
CA GLY A 225 23.43 -3.33 -14.81
C GLY A 225 23.32 -3.31 -13.29
N SER A 226 22.81 -2.22 -12.70
CA SER A 226 22.62 -2.17 -11.25
C SER A 226 21.41 -3.04 -10.85
N ARG A 227 21.50 -3.61 -9.66
CA ARG A 227 20.46 -4.49 -9.16
C ARG A 227 19.99 -4.02 -7.82
N TYR A 228 18.67 -4.12 -7.59
CA TYR A 228 18.05 -3.60 -6.38
C TYR A 228 17.03 -4.62 -5.83
N ILE A 229 16.88 -4.66 -4.51
CA ILE A 229 15.86 -5.41 -3.83
C ILE A 229 15.07 -4.45 -2.95
N GLU A 230 13.79 -4.80 -2.71
CA GLU A 230 12.90 -4.04 -1.81
C GLU A 230 12.08 -5.09 -1.08
N VAL A 231 12.14 -5.05 0.23
CA VAL A 231 11.54 -6.07 1.08
C VAL A 231 10.59 -5.38 2.08
N HIS A 232 9.34 -5.84 2.09
CA HIS A 232 8.34 -5.42 3.06
C HIS A 232 7.95 -6.63 3.89
N ASN A 233 7.27 -6.36 4.97
CA ASN A 233 6.73 -7.46 5.74
C ASN A 233 5.61 -8.14 4.93
N PRO A 234 5.53 -9.47 5.03
CA PRO A 234 4.48 -10.17 4.35
C PRO A 234 3.11 -9.75 4.88
N LEU A 235 2.11 -9.97 4.03
CA LEU A 235 0.75 -9.53 4.30
C LEU A 235 0.22 -9.94 5.66
N SER A 236 0.46 -11.21 6.06
CA SER A 236 -0.13 -11.76 7.28
C SER A 236 0.60 -11.36 8.57
N THR A 237 1.58 -10.44 8.48
CA THR A 237 2.48 -10.08 9.58
C THR A 237 1.73 -9.50 10.80
N THR A 238 2.02 -10.07 11.97
CA THR A 238 1.53 -9.60 13.27
C THR A 238 2.54 -8.62 13.94
N GLU A 239 2.07 -7.85 14.96
CA GLU A 239 2.92 -6.90 15.71
CA GLU A 239 2.94 -6.88 15.67
C GLU A 239 4.19 -7.57 16.23
N ALA A 240 4.04 -8.81 16.69
CA ALA A 240 5.14 -9.56 17.28
C ALA A 240 6.16 -9.99 16.22
N GLN A 241 5.65 -10.43 15.07
CA GLN A 241 6.54 -10.72 13.91
C GLN A 241 7.23 -9.44 13.41
N PHE A 242 6.48 -8.33 13.47
CA PHE A 242 6.94 -6.99 13.04
CA PHE A 242 6.98 -7.02 13.03
C PHE A 242 8.16 -6.52 13.87
N GLN A 243 8.02 -6.64 15.19
CA GLN A 243 8.99 -6.20 16.17
C GLN A 243 10.05 -7.24 16.52
N GLY A 244 9.97 -8.45 15.95
CA GLY A 244 10.92 -9.55 16.25
C GLY A 244 10.69 -10.46 17.48
N GLY A 245 9.53 -10.33 18.15
CA GLY A 245 9.09 -11.30 19.16
C GLY A 245 8.74 -12.69 18.58
N GLU A 246 8.36 -12.72 17.29
CA GLU A 246 8.13 -13.92 16.49
C GLU A 246 8.90 -13.68 15.20
N ILE A 247 9.10 -14.73 14.41
CA ILE A 247 9.57 -14.59 13.01
C ILE A 247 8.37 -14.64 12.02
N VAL A 248 8.40 -13.88 10.91
CA VAL A 248 7.47 -14.19 9.78
C VAL A 248 8.24 -14.48 8.48
N PRO A 249 8.13 -15.72 7.94
CA PRO A 249 9.11 -16.14 6.94
C PRO A 249 8.85 -15.49 5.59
N ILE A 250 9.95 -15.14 4.94
CA ILE A 250 9.95 -14.58 3.63
C ILE A 250 10.67 -15.55 2.72
N THR A 251 10.02 -15.99 1.66
CA THR A 251 10.69 -16.83 0.66
C THR A 251 10.83 -16.02 -0.65
N LEU A 252 11.99 -16.12 -1.27
CA LEU A 252 12.22 -15.42 -2.52
C LEU A 252 11.56 -16.19 -3.67
N THR A 253 10.71 -15.54 -4.41
CA THR A 253 10.13 -16.20 -5.57
C THR A 253 11.19 -16.37 -6.68
N GLN A 254 10.90 -17.18 -7.68
CA GLN A 254 11.84 -17.29 -8.78
CA GLN A 254 11.79 -17.31 -8.83
C GLN A 254 12.05 -15.99 -9.56
N PRO A 255 11.01 -15.18 -9.80
CA PRO A 255 11.31 -13.91 -10.44
C PRO A 255 12.26 -13.04 -9.62
N VAL A 256 12.19 -13.11 -8.29
CA VAL A 256 13.07 -12.32 -7.48
C VAL A 256 14.47 -12.89 -7.52
N GLN A 257 14.56 -14.22 -7.50
CA GLN A 257 15.84 -14.89 -7.60
CA GLN A 257 15.84 -14.89 -7.60
C GLN A 257 16.55 -14.62 -8.91
N ALA A 258 15.80 -14.39 -9.97
CA ALA A 258 16.42 -13.99 -11.25
C ALA A 258 17.33 -12.79 -11.10
N VAL A 259 17.10 -12.00 -10.05
CA VAL A 259 17.97 -10.87 -9.73
C VAL A 259 18.89 -11.24 -8.57
N THR A 260 18.33 -11.74 -7.47
CA THR A 260 19.10 -11.87 -6.24
C THR A 260 20.16 -13.01 -6.25
N SER A 261 20.03 -13.98 -7.15
CA SER A 261 21.03 -15.05 -7.32
C SER A 261 22.08 -14.72 -8.33
N GLN A 262 22.14 -13.51 -8.87
CA GLN A 262 23.15 -13.20 -9.85
C GLN A 262 24.52 -13.18 -9.20
N SER A 263 25.55 -13.43 -10.00
CA SER A 263 26.87 -13.62 -9.48
C SER A 263 27.48 -12.39 -8.80
N ASP A 264 27.07 -11.17 -9.16
CA ASP A 264 27.71 -9.99 -8.58
C ASP A 264 26.92 -9.43 -7.39
N VAL A 265 25.94 -10.16 -6.89
CA VAL A 265 25.07 -9.70 -5.78
C VAL A 265 25.80 -9.87 -4.45
N ASP A 266 25.81 -8.83 -3.63
CA ASP A 266 26.29 -9.00 -2.25
C ASP A 266 25.18 -9.69 -1.39
N GLN A 267 25.37 -10.95 -1.04
CA GLN A 267 24.33 -11.71 -0.35
C GLN A 267 24.13 -11.21 1.09
N ASN A 268 25.10 -10.49 1.65
CA ASN A 268 24.96 -9.80 2.93
C ASN A 268 23.92 -8.71 2.86
N VAL A 269 23.88 -7.98 1.74
CA VAL A 269 22.82 -6.99 1.51
C VAL A 269 21.47 -7.68 1.38
N VAL A 270 21.40 -8.81 0.69
CA VAL A 270 20.14 -9.54 0.60
C VAL A 270 19.67 -9.98 1.99
N GLU A 271 20.60 -10.56 2.77
CA GLU A 271 20.20 -11.12 4.05
C GLU A 271 19.82 -10.02 4.99
N GLN A 272 20.54 -8.91 5.01
CA GLN A 272 20.17 -7.75 5.83
CA GLN A 272 20.17 -7.78 5.86
C GLN A 272 18.85 -7.16 5.39
N ALA A 273 18.60 -7.14 4.09
CA ALA A 273 17.35 -6.62 3.57
C ALA A 273 16.16 -7.46 4.03
N ILE A 274 16.34 -8.78 3.97
CA ILE A 274 15.31 -9.72 4.40
CA ILE A 274 15.31 -9.72 4.40
C ILE A 274 15.06 -9.61 5.91
N GLN A 275 16.11 -9.42 6.71
CA GLN A 275 15.96 -9.29 8.16
CA GLN A 275 15.96 -9.28 8.15
C GLN A 275 15.31 -7.96 8.55
N ASN A 276 15.75 -6.87 7.91
CA ASN A 276 15.29 -5.53 8.24
C ASN A 276 13.85 -5.22 7.76
N ARG A 277 13.46 -5.69 6.57
CA ARG A 277 12.16 -5.37 5.99
CA ARG A 277 12.16 -5.39 5.99
C ARG A 277 11.86 -3.88 6.07
N SER A 278 12.74 -3.08 5.51
CA SER A 278 12.61 -1.64 5.66
C SER A 278 11.64 -1.02 4.67
N GLY A 279 11.28 -1.76 3.64
CA GLY A 279 10.47 -1.25 2.57
C GLY A 279 11.13 -0.36 1.52
N MSE A 280 12.43 -0.10 1.62
CA MSE A 280 13.10 0.86 0.74
C MSE A 280 14.07 0.10 -0.14
O MSE A 280 14.74 -0.77 0.37
CB MSE A 280 13.88 1.82 1.67
CG MSE A 280 12.89 2.75 2.37
SE MSE A 280 13.81 4.15 3.37
CE MSE A 280 14.44 3.07 4.76
N PRO A 281 14.14 0.37 -1.44
CA PRO A 281 15.08 -0.31 -2.30
C PRO A 281 16.54 -0.15 -1.85
N VAL A 282 17.31 -1.24 -1.96
CA VAL A 282 18.71 -1.26 -1.56
C VAL A 282 19.45 -1.85 -2.73
N ARG A 283 20.56 -1.23 -3.08
CA ARG A 283 21.37 -1.70 -4.19
C ARG A 283 22.17 -2.94 -3.79
N LEU A 284 22.14 -3.94 -4.64
CA LEU A 284 22.74 -5.27 -4.37
C LEU A 284 24.15 -5.45 -4.93
N ASN A 285 24.49 -4.72 -5.96
CA ASN A 285 25.77 -4.86 -6.59
C ASN A 285 26.45 -3.51 -6.78
#